data_2F10
#
_entry.id   2F10
#
_cell.length_a   88.340
_cell.length_b   92.250
_cell.length_c   92.690
_cell.angle_alpha   90.00
_cell.angle_beta   90.00
_cell.angle_gamma   90.00
#
_symmetry.space_group_name_H-M   'C 2 2 21'
#
loop_
_entity.id
_entity.type
_entity.pdbx_description
1 polymer 'Sialidase 2'
2 non-polymer 'PHOSPHATE ION'
3 non-polymer '3-(1-ACETYLAMINO-2-ETHYL-BUTYL)-4-GUANIDINO-2-HYDROXY-CYCLOPENTANECARBOXYLIC ACID'
4 water water
#
_entity_poly.entity_id   1
_entity_poly.type   'polypeptide(L)'
_entity_poly.pdbx_seq_one_letter_code
;GSMASLPVLQKESVFQSGAHAYRIPALLYLPGQQSLLAFAEQRASKKDEHAELIVLRRGDYDAPTHQVQWQAQEVVAQAR
LDGHRSMNPCPLYDAQTGTLFLFFIAIPGQVTEQQQLQTRANVTRLCQVTSTDHGRTWSSPRDLTDAAIGPAYREWSTFA
VGPGHCLQLNDRARSLVVPAYAYRKLHPIQRPIPSAFCFLSHDHGRTWARGHFVAQDTLECQVAEVETGEQRVVTLNARS
HLRARVQAQSTNDGLDFQESQLVKKLVEPPPQGCQGSVISFPSPRSGPGSPAQWLLYTHPTHSWQRADLGAYLNPRPPAP
EAWSEPVLLAKGSCAYSDLQSMGTGPDGSPLFGCLYEANDYEEIVFLMFTLKQAFPAEYLPQ
;
_entity_poly.pdbx_strand_id   A
#
# COMPACT_ATOMS: atom_id res chain seq x y z
N SER A 5 -5.70 21.69 -11.26
CA SER A 5 -4.90 21.90 -10.01
C SER A 5 -3.40 21.68 -10.28
N LEU A 6 -2.70 21.23 -9.24
CA LEU A 6 -1.26 20.96 -9.28
C LEU A 6 -0.71 20.35 -10.57
N PRO A 7 0.22 21.07 -11.26
CA PRO A 7 0.82 20.55 -12.51
C PRO A 7 1.76 19.38 -12.25
N VAL A 8 1.59 18.34 -13.04
CA VAL A 8 2.39 17.14 -12.89
C VAL A 8 2.96 16.58 -14.20
N LEU A 9 4.03 15.80 -14.07
CA LEU A 9 4.68 15.19 -15.23
C LEU A 9 3.74 14.38 -16.11
N GLN A 10 2.90 13.57 -15.48
CA GLN A 10 1.97 12.73 -16.21
C GLN A 10 0.72 12.38 -15.40
N LYS A 11 -0.41 12.36 -16.07
CA LYS A 11 -1.67 12.01 -15.44
C LYS A 11 -2.38 11.18 -16.49
N GLU A 12 -2.53 9.89 -16.23
CA GLU A 12 -3.14 8.98 -17.20
C GLU A 12 -4.01 7.90 -16.54
N SER A 13 -4.86 7.28 -17.34
CA SER A 13 -5.75 6.23 -16.85
C SER A 13 -5.21 4.88 -17.28
N VAL A 14 -4.93 4.01 -16.32
CA VAL A 14 -4.39 2.69 -16.61
C VAL A 14 -5.43 1.56 -16.56
N PHE A 15 -6.58 1.86 -15.97
CA PHE A 15 -7.68 0.90 -15.86
C PHE A 15 -8.98 1.70 -15.95
N GLN A 16 -9.98 1.13 -16.61
CA GLN A 16 -11.28 1.79 -16.74
C GLN A 16 -12.42 0.80 -16.89
N SER A 17 -13.60 1.20 -16.42
CA SER A 17 -14.77 0.34 -16.47
C SER A 17 -15.23 0.05 -17.89
N GLY A 18 -16.03 -1.01 -18.00
CA GLY A 18 -16.55 -1.46 -19.26
C GLY A 18 -16.81 -2.95 -19.09
N ALA A 19 -15.99 -3.77 -19.75
CA ALA A 19 -16.14 -5.21 -19.63
C ALA A 19 -16.28 -5.51 -18.14
N HIS A 20 -15.22 -5.26 -17.36
CA HIS A 20 -15.30 -5.49 -15.93
C HIS A 20 -15.04 -4.19 -15.20
N ALA A 21 -15.03 -4.27 -13.88
CA ALA A 21 -14.76 -3.13 -13.03
C ALA A 21 -13.40 -3.36 -12.38
N TYR A 22 -12.80 -2.32 -11.85
CA TYR A 22 -11.48 -2.42 -11.23
C TYR A 22 -11.31 -1.53 -10.01
N ARG A 23 -10.77 -2.10 -8.93
CA ARG A 23 -10.52 -1.34 -7.72
C ARG A 23 -9.33 -1.88 -6.95
N ILE A 24 -9.03 -1.23 -5.83
CA ILE A 24 -7.94 -1.66 -4.97
C ILE A 24 -6.63 -1.74 -5.76
N PRO A 25 -6.04 -0.59 -6.08
CA PRO A 25 -4.78 -0.56 -6.84
C PRO A 25 -3.54 -0.79 -5.97
N ALA A 26 -2.43 -1.12 -6.62
CA ALA A 26 -1.17 -1.35 -5.93
C ALA A 26 -0.09 -1.04 -6.94
N LEU A 27 0.89 -0.24 -6.50
CA LEU A 27 2.00 0.18 -7.35
C LEU A 27 3.37 -0.36 -6.89
N LEU A 28 4.23 -0.67 -7.86
CA LEU A 28 5.56 -1.21 -7.59
C LEU A 28 6.58 -0.70 -8.59
N TYR A 29 7.70 -0.21 -8.09
CA TYR A 29 8.74 0.32 -8.96
C TYR A 29 9.88 -0.67 -8.98
N LEU A 30 10.42 -0.94 -10.16
CA LEU A 30 11.54 -1.86 -10.29
C LEU A 30 12.77 -0.99 -10.60
N PRO A 31 13.46 -0.50 -9.55
CA PRO A 31 14.65 0.34 -9.75
C PRO A 31 15.52 0.05 -10.97
N GLY A 32 16.31 -1.02 -10.92
CA GLY A 32 17.17 -1.30 -12.05
C GLY A 32 16.48 -1.61 -13.36
N GLN A 33 15.18 -1.39 -13.43
CA GLN A 33 14.40 -1.69 -14.64
C GLN A 33 13.67 -0.48 -15.22
N GLN A 34 13.75 0.65 -14.53
CA GLN A 34 13.06 1.87 -14.96
C GLN A 34 11.55 1.62 -15.06
N SER A 35 11.12 0.40 -14.77
CA SER A 35 9.72 0.01 -14.87
C SER A 35 8.85 0.13 -13.61
N LEU A 36 7.54 0.08 -13.84
CA LEU A 36 6.50 0.15 -12.81
C LEU A 36 5.51 -0.97 -13.06
N LEU A 37 4.84 -1.40 -12.00
CA LEU A 37 3.84 -2.45 -12.13
C LEU A 37 2.57 -1.98 -11.44
N ALA A 38 1.52 -1.83 -12.24
CA ALA A 38 0.23 -1.41 -11.74
C ALA A 38 -0.65 -2.63 -11.58
N PHE A 39 -0.99 -2.94 -10.32
CA PHE A 39 -1.86 -4.09 -10.01
C PHE A 39 -3.25 -3.60 -9.62
N ALA A 40 -4.24 -4.48 -9.72
CA ALA A 40 -5.61 -4.13 -9.37
C ALA A 40 -6.52 -5.34 -9.35
N GLU A 41 -7.70 -5.15 -8.77
CA GLU A 41 -8.71 -6.21 -8.69
C GLU A 41 -9.61 -6.12 -9.92
N GLN A 42 -9.74 -7.19 -10.68
CA GLN A 42 -10.64 -7.13 -11.84
C GLN A 42 -11.96 -7.73 -11.37
N ARG A 43 -12.94 -6.88 -11.08
CA ARG A 43 -14.24 -7.34 -10.61
C ARG A 43 -15.28 -7.51 -11.70
N ALA A 44 -15.89 -8.70 -11.71
CA ALA A 44 -16.93 -9.04 -12.67
C ALA A 44 -18.11 -8.09 -12.54
N ALA A 51 -14.94 -8.60 -6.11
CA ALA A 51 -13.61 -9.17 -5.95
C ALA A 51 -13.48 -10.50 -6.68
N GLU A 52 -12.85 -10.49 -7.86
CA GLU A 52 -12.68 -11.70 -8.67
C GLU A 52 -11.20 -12.06 -8.89
N LEU A 53 -10.59 -11.49 -9.93
CA LEU A 53 -9.20 -11.80 -10.19
C LEU A 53 -8.32 -10.56 -10.20
N ILE A 54 -7.01 -10.80 -10.10
CA ILE A 54 -6.05 -9.71 -10.10
C ILE A 54 -5.38 -9.53 -11.46
N VAL A 55 -5.35 -8.29 -11.91
CA VAL A 55 -4.73 -7.99 -13.19
C VAL A 55 -3.48 -7.16 -12.93
N LEU A 56 -2.68 -6.98 -13.98
CA LEU A 56 -1.43 -6.25 -13.87
C LEU A 56 -1.02 -5.60 -15.17
N ARG A 57 -0.52 -4.37 -15.09
CA ARG A 57 -0.10 -3.63 -16.28
C ARG A 57 1.36 -3.16 -16.09
N ARG A 58 2.25 -3.55 -16.99
CA ARG A 58 3.67 -3.16 -16.88
C ARG A 58 3.87 -1.80 -17.53
N GLY A 59 4.61 -0.93 -16.86
CA GLY A 59 4.85 0.39 -17.40
C GLY A 59 6.33 0.75 -17.44
N ASP A 60 6.81 1.12 -18.63
CA ASP A 60 8.20 1.50 -18.83
C ASP A 60 8.30 3.04 -18.79
N TYR A 61 9.03 3.54 -17.79
CA TYR A 61 9.19 4.98 -17.62
C TYR A 61 10.39 5.54 -18.36
N ASP A 62 10.16 6.57 -19.15
CA ASP A 62 11.23 7.21 -19.88
C ASP A 62 11.36 8.62 -19.35
N ALA A 63 12.57 8.98 -18.94
CA ALA A 63 12.84 10.29 -18.37
C ALA A 63 12.73 11.43 -19.38
N PRO A 64 13.40 11.30 -20.53
CA PRO A 64 13.37 12.34 -21.57
C PRO A 64 11.99 12.88 -21.93
N THR A 65 11.02 11.99 -22.10
CA THR A 65 9.66 12.39 -22.44
C THR A 65 8.76 12.58 -21.22
N HIS A 66 9.36 12.56 -20.03
CA HIS A 66 8.63 12.76 -18.79
C HIS A 66 7.39 11.90 -18.73
N GLN A 67 7.43 10.71 -19.31
CA GLN A 67 6.24 9.89 -19.30
C GLN A 67 6.44 8.40 -19.32
N VAL A 68 5.55 7.69 -18.63
CA VAL A 68 5.58 6.23 -18.58
C VAL A 68 4.76 5.66 -19.72
N GLN A 69 5.22 4.54 -20.27
CA GLN A 69 4.54 3.87 -21.36
C GLN A 69 3.97 2.53 -20.90
N TRP A 70 2.65 2.46 -20.80
CA TRP A 70 1.96 1.26 -20.33
C TRP A 70 1.64 0.22 -21.37
N GLN A 71 2.02 -1.02 -21.08
CA GLN A 71 1.77 -2.15 -21.96
C GLN A 71 0.33 -2.62 -21.86
N ALA A 72 0.05 -3.79 -22.42
CA ALA A 72 -1.30 -4.32 -22.36
C ALA A 72 -1.62 -4.76 -20.93
N GLN A 73 -2.89 -4.99 -20.67
CA GLN A 73 -3.33 -5.43 -19.36
C GLN A 73 -3.19 -6.93 -19.34
N GLU A 74 -2.89 -7.50 -18.18
CA GLU A 74 -2.70 -8.94 -18.07
C GLU A 74 -3.39 -9.50 -16.82
N VAL A 75 -3.44 -10.81 -16.69
CA VAL A 75 -4.07 -11.42 -15.53
C VAL A 75 -3.10 -12.30 -14.78
N VAL A 76 -2.81 -11.94 -13.53
CA VAL A 76 -1.91 -12.75 -12.74
C VAL A 76 -2.66 -14.05 -12.52
N ALA A 77 -2.54 -14.93 -13.50
CA ALA A 77 -3.20 -16.23 -13.49
C ALA A 77 -2.95 -17.02 -12.22
N GLN A 78 -1.70 -17.03 -11.79
CA GLN A 78 -1.28 -17.75 -10.60
C GLN A 78 -1.87 -17.22 -9.29
N ALA A 79 -2.03 -15.91 -9.19
CA ALA A 79 -2.56 -15.28 -7.98
C ALA A 79 -4.02 -15.58 -7.73
N ARG A 80 -4.31 -16.82 -7.36
CA ARG A 80 -5.68 -17.23 -7.10
C ARG A 80 -5.73 -18.68 -6.67
N LEU A 81 -6.80 -19.06 -5.98
CA LEU A 81 -6.98 -20.44 -5.55
C LEU A 81 -8.30 -20.87 -6.17
N ASP A 82 -8.45 -22.17 -6.40
CA ASP A 82 -9.69 -22.66 -6.99
C ASP A 82 -10.86 -22.30 -6.07
N GLY A 83 -11.99 -21.95 -6.66
CA GLY A 83 -13.15 -21.58 -5.87
C GLY A 83 -12.92 -20.46 -4.87
N HIS A 84 -11.92 -19.64 -5.14
CA HIS A 84 -11.61 -18.54 -4.25
C HIS A 84 -11.42 -17.27 -5.02
N ARG A 85 -12.04 -16.20 -4.53
CA ARG A 85 -11.90 -14.90 -5.15
C ARG A 85 -10.62 -14.34 -4.56
N SER A 86 -9.97 -13.43 -5.28
CA SER A 86 -8.75 -12.84 -4.80
C SER A 86 -9.00 -11.37 -4.49
N MET A 87 -8.05 -10.72 -3.83
CA MET A 87 -8.19 -9.30 -3.49
C MET A 87 -7.03 -8.78 -2.65
N ASN A 88 -6.94 -7.46 -2.55
CA ASN A 88 -5.91 -6.76 -1.80
C ASN A 88 -4.49 -7.09 -2.28
N PRO A 89 -4.21 -6.93 -3.59
CA PRO A 89 -2.86 -7.22 -4.06
C PRO A 89 -1.83 -6.35 -3.37
N CYS A 90 -0.80 -6.98 -2.81
CA CYS A 90 0.28 -6.27 -2.12
C CYS A 90 1.61 -6.58 -2.77
N PRO A 91 2.08 -5.70 -3.67
CA PRO A 91 3.37 -5.98 -4.31
C PRO A 91 4.53 -5.60 -3.38
N LEU A 92 5.68 -6.23 -3.60
CA LEU A 92 6.89 -6.01 -2.81
C LEU A 92 8.08 -6.57 -3.57
N TYR A 93 9.15 -5.78 -3.66
CA TYR A 93 10.35 -6.23 -4.38
C TYR A 93 11.56 -6.45 -3.48
N ASP A 94 12.23 -7.59 -3.65
CA ASP A 94 13.40 -7.89 -2.83
C ASP A 94 14.68 -7.49 -3.55
N ALA A 95 15.21 -6.33 -3.18
CA ALA A 95 16.44 -5.82 -3.78
C ALA A 95 17.57 -6.83 -3.63
N GLN A 96 17.63 -7.48 -2.47
CA GLN A 96 18.66 -8.46 -2.19
C GLN A 96 18.73 -9.58 -3.23
N THR A 97 17.61 -10.25 -3.42
CA THR A 97 17.50 -11.37 -4.36
C THR A 97 16.91 -10.96 -5.71
N GLY A 98 16.35 -9.76 -5.79
CA GLY A 98 15.75 -9.30 -7.04
C GLY A 98 14.51 -10.11 -7.39
N THR A 99 13.88 -10.66 -6.37
CA THR A 99 12.68 -11.46 -6.57
C THR A 99 11.45 -10.60 -6.34
N LEU A 100 10.32 -10.99 -6.93
CA LEU A 100 9.10 -10.24 -6.77
C LEU A 100 8.08 -11.05 -6.00
N PHE A 101 7.35 -10.36 -5.12
CA PHE A 101 6.32 -10.98 -4.30
C PHE A 101 5.00 -10.27 -4.44
N LEU A 102 3.96 -11.01 -4.75
CA LEU A 102 2.64 -10.43 -4.84
C LEU A 102 1.85 -11.19 -3.80
N PHE A 103 1.52 -10.53 -2.69
CA PHE A 103 0.73 -11.19 -1.65
C PHE A 103 -0.73 -10.84 -1.86
N PHE A 104 -1.61 -11.75 -1.47
CA PHE A 104 -3.03 -11.47 -1.60
C PHE A 104 -3.89 -12.30 -0.64
N ILE A 105 -5.20 -12.14 -0.77
CA ILE A 105 -6.15 -12.84 0.07
C ILE A 105 -7.13 -13.67 -0.78
N ALA A 106 -7.49 -14.85 -0.31
CA ALA A 106 -8.43 -15.68 -1.04
C ALA A 106 -9.60 -16.09 -0.15
N ILE A 107 -10.79 -15.64 -0.53
CA ILE A 107 -12.01 -15.93 0.18
C ILE A 107 -12.84 -16.79 -0.73
N PRO A 108 -13.49 -17.83 -0.18
CA PRO A 108 -14.33 -18.73 -0.96
C PRO A 108 -15.47 -18.02 -1.69
N GLY A 109 -16.18 -18.77 -2.54
CA GLY A 109 -17.31 -18.20 -3.25
C GLY A 109 -18.59 -18.16 -2.42
N ARG A 120 -19.11 -16.13 10.58
CA ARG A 120 -18.59 -15.93 11.92
C ARG A 120 -17.26 -16.68 12.07
N ALA A 121 -17.13 -17.75 11.27
CA ALA A 121 -15.94 -18.58 11.28
C ALA A 121 -15.00 -18.15 10.15
N ASN A 122 -13.72 -17.99 10.50
CA ASN A 122 -12.66 -17.57 9.58
C ASN A 122 -12.39 -18.56 8.44
N VAL A 123 -12.41 -18.07 7.19
CA VAL A 123 -12.13 -18.93 6.03
C VAL A 123 -11.26 -18.16 5.06
N THR A 124 -10.65 -17.11 5.56
CA THR A 124 -9.79 -16.27 4.77
C THR A 124 -8.44 -16.94 4.65
N ARG A 125 -7.80 -16.75 3.50
CA ARG A 125 -6.51 -17.35 3.21
C ARG A 125 -5.46 -16.33 2.83
N LEU A 126 -4.22 -16.56 3.26
CA LEU A 126 -3.10 -15.70 2.91
C LEU A 126 -2.33 -16.44 1.83
N CYS A 127 -2.02 -15.77 0.74
CA CYS A 127 -1.29 -16.41 -0.34
C CYS A 127 -0.25 -15.51 -0.96
N GLN A 128 0.76 -16.13 -1.55
CA GLN A 128 1.80 -15.37 -2.21
C GLN A 128 2.23 -16.10 -3.48
N VAL A 129 2.51 -15.34 -4.53
CA VAL A 129 3.00 -15.89 -5.80
C VAL A 129 4.21 -15.03 -6.14
N THR A 130 5.31 -15.67 -6.54
CA THR A 130 6.52 -14.91 -6.86
C THR A 130 6.95 -14.91 -8.33
N SER A 131 7.75 -13.92 -8.69
CA SER A 131 8.26 -13.80 -10.03
C SER A 131 9.75 -13.51 -9.96
N THR A 132 10.49 -14.06 -10.91
CA THR A 132 11.93 -13.84 -10.97
C THR A 132 12.31 -13.21 -12.31
N ASP A 133 11.32 -12.92 -13.13
CA ASP A 133 11.58 -12.28 -14.41
C ASP A 133 10.92 -10.91 -14.39
N HIS A 134 11.02 -10.24 -13.24
CA HIS A 134 10.46 -8.92 -13.09
C HIS A 134 8.97 -8.95 -13.38
N GLY A 135 8.28 -9.90 -12.77
CA GLY A 135 6.85 -10.01 -12.93
C GLY A 135 6.32 -10.36 -14.31
N ARG A 136 7.12 -11.01 -15.15
CA ARG A 136 6.65 -11.38 -16.47
C ARG A 136 5.89 -12.69 -16.42
N THR A 137 6.22 -13.51 -15.42
CA THR A 137 5.56 -14.79 -15.22
C THR A 137 5.58 -15.04 -13.70
N TRP A 138 4.68 -15.88 -13.21
CA TRP A 138 4.65 -16.13 -11.78
C TRP A 138 4.67 -17.59 -11.42
N SER A 139 4.86 -17.85 -10.15
CA SER A 139 4.91 -19.20 -9.64
C SER A 139 3.55 -19.75 -9.28
N SER A 140 3.56 -20.75 -8.43
CA SER A 140 2.34 -21.37 -7.95
C SER A 140 2.11 -20.64 -6.64
N PRO A 141 0.85 -20.41 -6.28
CA PRO A 141 0.60 -19.70 -5.03
C PRO A 141 0.98 -20.52 -3.80
N ARG A 142 1.59 -19.86 -2.83
CA ARG A 142 1.95 -20.50 -1.57
C ARG A 142 0.93 -20.02 -0.56
N ASP A 143 0.25 -20.94 0.10
CA ASP A 143 -0.73 -20.57 1.09
C ASP A 143 0.01 -20.51 2.43
N LEU A 144 0.26 -19.29 2.89
CA LEU A 144 1.00 -19.05 4.13
C LEU A 144 0.09 -19.01 5.36
N THR A 145 -1.21 -19.14 5.15
CA THR A 145 -2.18 -19.09 6.23
C THR A 145 -1.82 -19.80 7.52
N ASP A 146 -1.83 -21.13 7.50
CA ASP A 146 -1.54 -21.93 8.68
C ASP A 146 -0.19 -21.72 9.37
N ALA A 147 0.86 -21.55 8.60
CA ALA A 147 2.16 -21.36 9.21
C ALA A 147 2.36 -19.93 9.71
N ALA A 148 1.73 -18.98 9.03
CA ALA A 148 1.88 -17.58 9.38
C ALA A 148 1.03 -17.10 10.56
N ILE A 149 -0.18 -17.63 10.67
CA ILE A 149 -1.07 -17.21 11.73
C ILE A 149 -1.10 -18.14 12.94
N GLY A 150 -1.23 -19.44 12.70
CA GLY A 150 -1.28 -20.39 13.81
C GLY A 150 -2.58 -20.36 14.59
N PRO A 151 -2.55 -20.82 15.85
CA PRO A 151 -3.71 -20.88 16.76
C PRO A 151 -4.60 -19.63 16.77
N ALA A 152 -3.98 -18.46 16.61
CA ALA A 152 -4.72 -17.21 16.60
C ALA A 152 -5.77 -17.17 15.50
N TYR A 153 -5.56 -17.97 14.46
CA TYR A 153 -6.48 -18.01 13.35
C TYR A 153 -7.91 -18.11 13.84
N ARG A 154 -8.19 -19.18 14.55
CA ARG A 154 -9.53 -19.41 15.08
C ARG A 154 -10.03 -18.19 15.89
N GLU A 155 -9.10 -17.43 16.46
CA GLU A 155 -9.45 -16.25 17.26
C GLU A 155 -9.87 -15.04 16.42
N TRP A 156 -9.96 -15.22 15.11
CA TRP A 156 -10.37 -14.14 14.22
C TRP A 156 -11.49 -14.60 13.32
N SER A 157 -12.17 -13.63 12.72
CA SER A 157 -13.25 -13.90 11.77
C SER A 157 -12.65 -13.74 10.38
N THR A 158 -11.81 -12.72 10.23
CA THR A 158 -11.14 -12.43 8.96
C THR A 158 -9.98 -11.43 9.12
N PHE A 159 -9.14 -11.34 8.09
CA PHE A 159 -7.98 -10.45 8.12
C PHE A 159 -7.71 -10.06 6.68
N ALA A 160 -6.64 -9.31 6.46
CA ALA A 160 -6.28 -8.91 5.10
C ALA A 160 -4.91 -8.23 5.09
N VAL A 161 -4.34 -8.12 3.89
CA VAL A 161 -3.04 -7.51 3.72
C VAL A 161 -3.18 -6.23 2.92
N GLY A 162 -2.28 -5.27 3.14
CA GLY A 162 -2.36 -4.02 2.41
C GLY A 162 -3.77 -3.44 2.49
N PRO A 163 -4.39 -3.13 1.35
CA PRO A 163 -3.88 -3.28 -0.01
C PRO A 163 -2.76 -2.28 -0.29
N GLY A 164 -1.89 -2.60 -1.24
CA GLY A 164 -0.80 -1.69 -1.57
C GLY A 164 0.56 -2.34 -1.51
N HIS A 165 1.59 -1.52 -1.65
CA HIS A 165 2.95 -2.02 -1.61
C HIS A 165 3.36 -2.33 -0.19
N CYS A 166 4.26 -3.29 -0.03
CA CYS A 166 4.78 -3.69 1.27
C CYS A 166 6.17 -3.10 1.47
N LEU A 167 6.88 -3.56 2.50
CA LEU A 167 8.20 -3.01 2.79
C LEU A 167 9.28 -4.03 3.09
N GLN A 168 10.51 -3.69 2.74
CA GLN A 168 11.66 -4.54 3.03
C GLN A 168 12.56 -3.68 3.91
N LEU A 169 13.08 -4.23 4.99
CA LEU A 169 13.89 -3.43 5.88
C LEU A 169 15.38 -3.39 5.60
N ASN A 170 16.04 -2.43 6.25
CA ASN A 170 17.46 -2.19 6.11
C ASN A 170 18.28 -2.90 7.18
N ASP A 171 17.61 -3.78 7.93
CA ASP A 171 18.29 -4.53 8.98
C ASP A 171 19.25 -5.55 8.38
N ARG A 172 19.95 -6.26 9.25
CA ARG A 172 20.92 -7.27 8.83
C ARG A 172 20.37 -8.21 7.76
N ALA A 173 19.30 -8.90 8.11
CA ALA A 173 18.66 -9.87 7.22
C ALA A 173 17.75 -9.28 6.13
N ARG A 174 17.75 -7.96 5.96
CA ARG A 174 16.90 -7.33 4.97
C ARG A 174 15.53 -7.99 5.03
N SER A 175 14.92 -7.90 6.20
CA SER A 175 13.62 -8.49 6.47
C SER A 175 12.53 -7.98 5.55
N LEU A 176 11.44 -8.73 5.50
CA LEU A 176 10.29 -8.40 4.68
C LEU A 176 9.11 -8.12 5.59
N VAL A 177 8.49 -6.96 5.42
CA VAL A 177 7.37 -6.54 6.24
C VAL A 177 6.07 -6.36 5.45
N VAL A 178 5.08 -7.19 5.77
CA VAL A 178 3.79 -7.08 5.09
C VAL A 178 2.73 -6.52 6.03
N PRO A 179 2.16 -5.36 5.68
CA PRO A 179 1.14 -4.75 6.54
C PRO A 179 -0.21 -5.47 6.43
N ALA A 180 -0.88 -5.60 7.58
CA ALA A 180 -2.16 -6.28 7.61
C ALA A 180 -2.95 -5.94 8.87
N TYR A 181 -4.17 -6.46 8.94
CA TYR A 181 -5.05 -6.24 10.06
C TYR A 181 -5.93 -7.46 10.25
N ALA A 182 -6.34 -7.70 11.48
CA ALA A 182 -7.18 -8.85 11.77
C ALA A 182 -8.45 -8.40 12.44
N TYR A 183 -9.54 -9.11 12.18
CA TYR A 183 -10.82 -8.80 12.80
C TYR A 183 -10.99 -9.66 14.02
N ARG A 184 -10.50 -9.17 15.14
CA ARG A 184 -10.53 -9.87 16.42
C ARG A 184 -11.92 -10.04 17.01
N LYS A 185 -12.17 -11.25 17.49
CA LYS A 185 -13.42 -11.63 18.12
C LYS A 185 -13.07 -11.62 19.60
N LEU A 186 -12.90 -10.39 20.00
CA LEU A 186 -12.67 -10.50 21.41
C LEU A 186 -13.91 -10.62 22.27
N HIS A 187 -15.15 -10.37 21.76
CA HIS A 187 -16.28 -10.59 22.64
C HIS A 187 -17.41 -11.26 21.98
N ILE A 189 -19.89 -10.58 22.97
CA ILE A 189 -21.18 -9.89 23.08
C ILE A 189 -21.27 -8.74 22.09
N GLN A 190 -20.27 -8.62 21.22
CA GLN A 190 -20.25 -7.57 20.21
C GLN A 190 -19.70 -8.09 18.89
N ARG A 191 -19.45 -7.18 17.95
CA ARG A 191 -18.74 -7.50 16.72
C ARG A 191 -17.28 -7.82 17.01
N PRO A 192 -16.80 -8.05 16.13
CA PRO A 192 -15.34 -8.12 16.10
C PRO A 192 -14.64 -6.78 15.93
N ILE A 193 -13.51 -6.64 16.61
CA ILE A 193 -12.72 -5.43 16.57
C ILE A 193 -11.46 -5.69 15.75
N PRO A 194 -11.13 -4.77 14.84
CA PRO A 194 -9.94 -4.94 14.01
C PRO A 194 -8.71 -4.16 14.48
N SER A 195 -7.56 -4.78 14.33
CA SER A 195 -6.28 -4.17 14.70
C SER A 195 -5.26 -4.50 13.64
N ALA A 196 -4.38 -3.54 13.37
CA ALA A 196 -3.34 -3.72 12.38
C ALA A 196 -2.11 -4.39 12.98
N PHE A 197 -1.31 -4.99 12.11
CA PHE A 197 -0.10 -5.68 12.53
C PHE A 197 0.70 -5.97 11.28
N CYS A 198 1.88 -6.54 11.46
CA CYS A 198 2.74 -6.86 10.34
C CYS A 198 3.18 -8.32 10.32
N PHE A 199 3.23 -8.89 9.13
CA PHE A 199 3.68 -10.26 8.94
C PHE A 199 5.17 -10.12 8.64
N LEU A 200 6.02 -10.62 9.54
CA LEU A 200 7.45 -10.50 9.31
C LEU A 200 8.13 -11.81 8.90
N SER A 201 9.12 -11.67 8.02
CA SER A 201 9.92 -12.79 7.55
C SER A 201 11.34 -12.23 7.57
N HIS A 202 12.29 -13.01 8.03
CA HIS A 202 13.67 -12.55 8.07
C HIS A 202 14.48 -13.41 7.15
N ASP A 203 13.79 -14.24 6.38
CA ASP A 203 14.44 -15.14 5.45
C ASP A 203 13.79 -15.08 4.07
N HIS A 204 13.73 -13.87 3.53
CA HIS A 204 13.18 -13.62 2.20
C HIS A 204 11.93 -14.41 1.80
N GLY A 205 10.88 -14.31 2.61
CA GLY A 205 9.64 -15.00 2.30
C GLY A 205 9.72 -16.51 2.32
N ARG A 206 10.47 -17.04 3.27
CA ARG A 206 10.57 -18.48 3.41
C ARG A 206 9.66 -18.82 4.57
N THR A 207 9.91 -18.18 5.70
CA THR A 207 9.11 -18.37 6.90
C THR A 207 8.43 -17.05 7.23
N TRP A 208 7.29 -17.12 7.92
CA TRP A 208 6.56 -15.92 8.28
C TRP A 208 6.09 -15.93 9.71
N ALA A 209 6.21 -14.78 10.36
CA ALA A 209 5.79 -14.62 11.74
C ALA A 209 4.76 -13.51 11.74
N ARG A 210 4.03 -13.38 12.84
CA ARG A 210 3.01 -12.35 12.95
C ARG A 210 3.31 -11.39 14.09
N GLY A 211 3.81 -10.21 13.76
CA GLY A 211 4.13 -9.22 14.79
C GLY A 211 2.90 -8.90 15.62
N HIS A 212 3.06 -8.04 16.61
CA HIS A 212 1.92 -7.72 17.46
C HIS A 212 1.04 -6.63 16.90
N PHE A 213 -0.16 -6.49 17.49
CA PHE A 213 -1.15 -5.50 17.07
C PHE A 213 -0.84 -4.09 17.59
N VAL A 214 -1.56 -3.10 17.08
CA VAL A 214 -1.41 -1.71 17.53
C VAL A 214 -2.71 -1.41 18.25
N ALA A 215 -3.10 -0.15 18.40
CA ALA A 215 -4.37 0.15 19.06
C ALA A 215 -5.54 -0.55 18.36
N GLN A 216 -6.64 -0.77 19.08
CA GLN A 216 -7.79 -1.41 18.48
C GLN A 216 -8.42 -0.55 17.41
N ASP A 217 -9.39 -1.12 16.71
CA ASP A 217 -10.09 -0.41 15.65
C ASP A 217 -9.22 0.26 14.62
N THR A 218 -8.21 -0.45 14.13
CA THR A 218 -7.33 0.08 13.09
C THR A 218 -7.55 -0.89 11.94
N LEU A 219 -7.48 -0.40 10.72
CA LEU A 219 -7.73 -1.26 9.56
C LEU A 219 -6.58 -1.35 8.52
N GLU A 220 -6.92 -1.11 7.25
CA GLU A 220 -5.96 -1.15 6.14
C GLU A 220 -4.83 -0.19 6.44
N CYS A 221 -3.61 -0.66 6.27
CA CYS A 221 -2.45 0.19 6.54
C CYS A 221 -1.24 -0.17 5.69
N GLN A 222 -0.19 0.65 5.81
CA GLN A 222 1.08 0.46 5.12
C GLN A 222 2.18 0.96 6.06
N VAL A 223 3.42 0.60 5.78
CA VAL A 223 4.52 0.98 6.64
C VAL A 223 5.66 1.54 5.83
N ALA A 224 6.57 2.26 6.47
CA ALA A 224 7.74 2.81 5.79
C ALA A 224 8.85 2.93 6.85
N GLU A 225 10.11 2.86 6.43
CA GLU A 225 11.22 2.95 7.39
C GLU A 225 11.80 4.36 7.48
N VAL A 226 12.16 4.77 8.71
CA VAL A 226 12.72 6.11 8.98
C VAL A 226 14.10 6.14 9.66
N GLU A 227 14.97 7.04 9.16
CA GLU A 227 16.34 7.23 9.65
C GLU A 227 17.00 5.95 10.12
N GLN A 231 17.18 4.53 16.51
CA GLN A 231 17.78 4.83 15.22
C GLN A 231 16.86 4.55 14.03
N ARG A 232 16.56 3.28 13.80
CA ARG A 232 15.70 2.89 12.70
C ARG A 232 14.31 2.51 13.19
N VAL A 233 13.28 3.15 12.63
CA VAL A 233 11.90 2.88 13.04
C VAL A 233 10.98 2.48 11.89
N VAL A 234 9.84 1.93 12.25
CA VAL A 234 8.83 1.52 11.27
C VAL A 234 7.58 2.31 11.55
N THR A 235 7.26 3.28 10.70
CA THR A 235 6.06 4.05 10.92
C THR A 235 4.91 3.36 10.20
N LEU A 236 3.82 3.12 10.91
CA LEU A 236 2.64 2.45 10.35
C LEU A 236 1.42 3.38 10.41
N ASN A 237 0.83 3.67 9.26
CA ASN A 237 -0.34 4.57 9.18
C ASN A 237 -1.58 3.77 8.78
N ALA A 238 -2.62 3.77 9.61
CA ALA A 238 -3.79 2.98 9.32
C ALA A 238 -5.13 3.69 9.19
N ARG A 239 -6.02 3.07 8.43
CA ARG A 239 -7.37 3.57 8.22
C ARG A 239 -8.11 3.44 9.55
N SER A 240 -9.20 4.17 9.73
CA SER A 240 -9.93 4.12 11.00
C SER A 240 -11.38 4.59 10.92
N HIS A 241 -12.25 3.94 11.70
CA HIS A 241 -13.67 4.28 11.76
C HIS A 241 -13.82 5.77 12.04
N LEU A 242 -12.95 6.25 12.93
CA LEU A 242 -12.93 7.65 13.36
C LEU A 242 -12.82 8.69 12.26
N ARG A 243 -12.41 9.88 12.66
CA ARG A 243 -12.29 11.01 11.75
C ARG A 243 -10.87 11.50 11.52
N ALA A 244 -9.90 10.65 11.85
CA ALA A 244 -8.50 11.00 11.65
C ALA A 244 -7.70 9.72 11.57
N ARG A 245 -6.64 9.72 10.77
CA ARG A 245 -5.80 8.54 10.65
C ARG A 245 -5.20 8.20 12.00
N VAL A 246 -4.86 6.92 12.16
CA VAL A 246 -4.22 6.42 13.37
C VAL A 246 -2.81 6.06 12.92
N GLN A 247 -1.80 6.54 13.66
CA GLN A 247 -0.41 6.28 13.32
C GLN A 247 0.39 5.66 14.47
N ALA A 248 1.14 4.61 14.18
CA ALA A 248 1.94 3.94 15.20
C ALA A 248 3.34 3.69 14.67
N GLN A 249 4.32 3.69 15.56
CA GLN A 249 5.70 3.47 15.16
C GLN A 249 6.28 2.29 15.92
N SER A 250 7.31 1.68 15.34
CA SER A 250 7.96 0.52 15.92
C SER A 250 9.47 0.70 15.91
N THR A 251 10.13 0.19 16.95
CA THR A 251 11.58 0.30 17.02
C THR A 251 12.25 -1.07 16.90
N ASN A 252 11.46 -2.13 17.01
CA ASN A 252 12.04 -3.47 16.91
C ASN A 252 11.66 -4.12 15.59
N ASP A 253 11.79 -3.34 14.53
CA ASP A 253 11.48 -3.80 13.17
C ASP A 253 10.10 -4.35 12.94
N GLY A 254 9.08 -3.70 13.51
CA GLY A 254 7.72 -4.14 13.29
C GLY A 254 7.12 -5.16 14.24
N LEU A 255 7.95 -5.77 15.09
CA LEU A 255 7.45 -6.75 16.03
C LEU A 255 6.46 -6.07 16.95
N ASP A 256 6.83 -4.87 17.43
CA ASP A 256 5.98 -4.09 18.31
C ASP A 256 5.79 -2.65 17.88
N PHE A 257 4.69 -2.07 18.32
CA PHE A 257 4.35 -0.71 17.99
C PHE A 257 3.96 0.03 19.26
N GLN A 258 4.98 0.48 19.97
CA GLN A 258 4.81 1.16 21.25
C GLN A 258 3.90 2.38 21.18
N GLU A 259 4.33 3.41 20.47
CA GLU A 259 3.50 4.62 20.34
C GLU A 259 2.35 4.29 19.40
N SER A 260 1.27 5.06 19.48
CA SER A 260 0.09 4.84 18.64
C SER A 260 -1.01 5.85 18.93
N GLN A 261 -1.17 6.86 18.07
CA GLN A 261 -2.20 7.84 18.34
C GLN A 261 -2.84 8.55 17.14
N LEU A 262 -4.00 9.14 17.38
CA LEU A 262 -4.72 9.88 16.35
C LEU A 262 -3.91 11.05 15.80
N VAL A 263 -3.86 11.17 14.48
CA VAL A 263 -3.14 12.27 13.83
C VAL A 263 -4.21 13.14 13.23
N LYS A 264 -4.75 14.03 14.06
CA LYS A 264 -5.81 14.91 13.63
C LYS A 264 -5.51 15.65 12.33
N LYS A 265 -4.23 15.79 11.99
CA LYS A 265 -3.85 16.50 10.77
C LYS A 265 -4.27 15.75 9.51
N LEU A 266 -4.53 14.46 9.64
CA LEU A 266 -4.94 13.66 8.49
C LEU A 266 -6.39 13.22 8.58
N VAL A 267 -7.26 14.03 7.98
CA VAL A 267 -8.69 13.78 7.97
C VAL A 267 -9.04 12.35 7.54
N GLU A 268 -10.23 11.90 7.94
CA GLU A 268 -10.76 10.57 7.62
C GLU A 268 -12.26 10.69 7.40
N PRO A 269 -12.74 10.37 6.20
CA PRO A 269 -14.17 10.45 5.86
C PRO A 269 -15.12 9.60 6.70
N PRO A 270 -16.33 10.12 6.92
CA PRO A 270 -17.46 9.61 7.69
C PRO A 270 -17.65 8.10 7.92
N PRO A 271 -18.15 7.36 6.90
CA PRO A 271 -18.39 5.91 7.04
C PRO A 271 -17.44 5.17 7.97
N GLN A 272 -16.50 4.46 7.36
CA GLN A 272 -15.49 3.69 8.10
C GLN A 272 -14.15 4.12 7.53
N GLY A 273 -14.00 5.42 7.31
CA GLY A 273 -12.75 5.92 6.75
C GLY A 273 -12.49 5.44 5.32
N CYS A 274 -11.25 5.65 4.86
CA CYS A 274 -10.80 5.25 3.51
C CYS A 274 -9.29 4.98 3.52
N GLN A 275 -8.85 4.10 2.63
CA GLN A 275 -7.46 3.74 2.54
C GLN A 275 -6.57 4.85 2.03
N GLY A 276 -5.41 4.96 2.66
CA GLY A 276 -4.42 5.95 2.28
C GLY A 276 -3.16 5.16 2.01
N SER A 277 -2.10 5.86 1.59
CA SER A 277 -0.82 5.23 1.29
C SER A 277 0.29 6.14 1.79
N VAL A 278 1.44 5.58 2.13
CA VAL A 278 2.56 6.39 2.60
C VAL A 278 3.88 5.73 2.25
N ILE A 279 4.84 6.53 1.80
CA ILE A 279 6.16 6.01 1.46
C ILE A 279 7.20 6.93 2.05
N SER A 280 8.46 6.52 1.95
CA SER A 280 9.55 7.34 2.44
C SER A 280 10.44 7.63 1.25
N PHE A 281 11.21 8.71 1.34
CA PHE A 281 12.14 9.09 0.29
C PHE A 281 13.24 9.90 0.97
N PRO A 282 14.43 10.00 0.35
CA PRO A 282 15.59 10.73 0.88
C PRO A 282 15.39 12.23 0.93
N SER A 283 15.59 12.80 2.11
CA SER A 283 15.42 14.24 2.28
C SER A 283 16.45 14.99 1.46
N PRO A 284 16.02 16.12 0.86
CA PRO A 284 16.89 16.96 0.04
C PRO A 284 17.88 17.71 0.95
N ARG A 285 17.66 17.57 2.25
CA ARG A 285 18.53 18.20 3.24
C ARG A 285 19.69 17.26 3.58
N ALA A 292 16.52 10.84 8.26
CA ALA A 292 17.19 11.14 7.00
C ALA A 292 16.23 11.07 5.81
N GLN A 293 15.04 10.53 6.04
CA GLN A 293 14.04 10.41 4.99
C GLN A 293 12.89 11.32 5.35
N TRP A 294 11.90 11.38 4.49
CA TRP A 294 10.70 12.18 4.71
C TRP A 294 9.60 11.26 4.29
N LEU A 295 8.39 11.58 4.70
CA LEU A 295 7.24 10.78 4.33
C LEU A 295 6.34 11.58 3.43
N LEU A 296 5.79 10.88 2.48
CA LEU A 296 4.79 11.40 1.60
C LEU A 296 3.58 10.56 1.86
N TYR A 297 2.41 11.13 1.88
CA TYR A 297 1.22 10.33 2.13
C TYR A 297 0.08 10.84 1.25
N THR A 298 -0.72 9.93 0.69
CA THR A 298 -1.86 10.34 -0.14
C THR A 298 -3.15 9.82 0.48
N HIS A 299 -4.23 10.60 0.37
CA HIS A 299 -5.53 10.22 0.95
C HIS A 299 -6.55 11.34 0.65
N PRO A 300 -7.86 11.00 0.55
CA PRO A 300 -8.82 12.09 0.27
C PRO A 300 -8.72 13.16 1.36
N THR A 301 -8.90 14.40 0.97
CA THR A 301 -8.78 15.48 1.93
C THR A 301 -10.11 15.94 2.45
N HIS A 302 -11.18 15.55 1.77
CA HIS A 302 -12.52 15.92 2.21
C HIS A 302 -12.85 15.12 3.47
N SER A 303 -13.33 15.82 4.49
CA SER A 303 -13.65 15.19 5.75
C SER A 303 -15.00 14.52 5.71
N TRP A 304 -15.82 14.94 4.74
CA TRP A 304 -17.18 14.41 4.60
C TRP A 304 -17.41 13.56 3.36
N GLN A 305 -16.34 13.03 2.78
CA GLN A 305 -16.50 12.20 1.59
C GLN A 305 -15.15 11.76 1.00
N ARG A 306 -15.21 11.00 -0.08
CA ARG A 306 -14.00 10.54 -0.73
C ARG A 306 -13.77 11.37 -2.00
N ALA A 307 -13.32 12.61 -1.79
CA ALA A 307 -13.05 13.51 -2.88
C ALA A 307 -11.75 14.28 -2.66
N ASP A 308 -11.31 14.99 -3.69
CA ASP A 308 -10.10 15.80 -3.65
C ASP A 308 -8.90 15.13 -2.97
N LEU A 309 -8.25 14.23 -3.70
CA LEU A 309 -7.11 13.49 -3.20
C LEU A 309 -5.93 14.42 -2.94
N GLY A 310 -5.53 14.53 -1.68
CA GLY A 310 -4.40 15.38 -1.36
C GLY A 310 -3.10 14.63 -1.27
N ALA A 311 -2.04 15.36 -0.93
CA ALA A 311 -0.70 14.78 -0.76
C ALA A 311 -0.09 15.48 0.44
N TYR A 312 0.14 14.75 1.51
CA TYR A 312 0.69 15.35 2.72
C TYR A 312 2.15 14.98 2.80
N LEU A 313 2.95 15.89 3.34
CA LEU A 313 4.38 15.67 3.43
C LEU A 313 4.86 15.72 4.88
N ASN A 314 5.82 14.88 5.24
CA ASN A 314 6.35 14.91 6.62
C ASN A 314 7.86 14.95 6.63
N PRO A 315 8.41 16.15 6.84
CA PRO A 315 9.85 16.38 6.87
C PRO A 315 10.48 15.87 8.15
N ARG A 316 9.70 15.81 9.22
CA ARG A 316 10.24 15.31 10.47
C ARG A 316 9.55 14.04 10.91
N PRO A 317 9.55 13.02 10.05
CA PRO A 317 8.91 11.76 10.41
C PRO A 317 9.61 11.12 11.61
N PRO A 318 8.86 10.38 12.44
CA PRO A 318 7.43 10.14 12.25
C PRO A 318 6.55 11.30 12.75
N ALA A 319 7.09 12.11 13.67
CA ALA A 319 6.39 13.26 14.24
C ALA A 319 5.04 13.56 13.58
N PRO A 320 3.93 13.18 14.27
CA PRO A 320 2.54 13.35 13.83
C PRO A 320 2.11 14.78 13.60
N GLU A 321 2.75 15.73 14.29
CA GLU A 321 2.39 17.12 14.11
C GLU A 321 3.30 17.77 13.09
N ALA A 322 4.27 16.99 12.60
CA ALA A 322 5.20 17.48 11.58
C ALA A 322 4.52 17.40 10.22
N TRP A 323 3.42 16.68 10.18
CA TRP A 323 2.62 16.51 8.97
C TRP A 323 2.15 17.85 8.44
N SER A 324 2.37 18.10 7.16
CA SER A 324 1.97 19.35 6.54
C SER A 324 0.51 19.39 6.14
N GLU A 325 0.13 20.53 5.62
CA GLU A 325 -1.20 20.66 5.12
C GLU A 325 -1.16 19.82 3.84
N PRO A 326 -2.29 19.45 3.27
CA PRO A 326 -2.17 18.72 2.01
C PRO A 326 -2.18 19.62 0.78
N VAL A 327 -1.58 19.14 -0.32
CA VAL A 327 -1.61 19.88 -1.58
C VAL A 327 -2.52 19.05 -2.50
N LEU A 328 -3.50 19.72 -3.09
CA LEU A 328 -4.47 19.07 -3.95
C LEU A 328 -3.86 18.39 -5.18
N LEU A 329 -3.88 17.07 -5.19
CA LEU A 329 -3.35 16.33 -6.33
C LEU A 329 -4.39 16.17 -7.41
N ALA A 330 -5.60 15.82 -7.02
CA ALA A 330 -6.68 15.63 -7.98
C ALA A 330 -8.01 16.07 -7.41
N LYS A 331 -8.71 16.88 -8.19
CA LYS A 331 -10.01 17.42 -7.83
C LYS A 331 -11.10 16.35 -7.99
N GLY A 332 -12.11 16.41 -7.13
CA GLY A 332 -13.20 15.47 -7.23
C GLY A 332 -13.03 14.14 -6.55
N SER A 333 -13.97 13.24 -6.84
CA SER A 333 -14.01 11.90 -6.29
C SER A 333 -12.69 11.14 -6.38
N CYS A 334 -12.20 10.71 -5.22
CA CYS A 334 -10.96 9.96 -5.13
C CYS A 334 -11.17 8.94 -4.05
N ALA A 335 -10.33 7.91 -4.02
CA ALA A 335 -10.43 6.86 -3.00
C ALA A 335 -9.07 6.21 -2.73
N TYR A 336 -9.04 4.88 -2.82
CA TYR A 336 -7.81 4.12 -2.59
C TYR A 336 -6.67 4.63 -3.46
N SER A 337 -5.47 4.65 -2.89
CA SER A 337 -4.30 5.13 -3.60
C SER A 337 -3.07 4.37 -3.16
N ASP A 338 -1.99 4.49 -3.92
CA ASP A 338 -0.75 3.83 -3.56
C ASP A 338 0.40 4.63 -4.12
N LEU A 339 1.38 4.91 -3.26
CA LEU A 339 2.55 5.69 -3.64
C LEU A 339 3.79 4.86 -3.91
N GLN A 340 4.69 5.41 -4.72
CA GLN A 340 5.94 4.74 -5.05
C GLN A 340 7.05 5.74 -5.33
N SER A 341 8.17 5.59 -4.63
CA SER A 341 9.30 6.47 -4.86
C SER A 341 9.88 5.96 -6.17
N MET A 342 10.14 6.86 -7.11
CA MET A 342 10.65 6.45 -8.42
C MET A 342 12.05 6.95 -8.76
N GLY A 343 12.77 7.45 -7.76
CA GLY A 343 14.12 7.93 -8.01
C GLY A 343 14.17 9.43 -8.23
N THR A 344 15.05 9.89 -9.13
CA THR A 344 15.17 11.31 -9.40
C THR A 344 14.31 11.84 -10.54
N GLY A 345 13.59 12.92 -10.28
CA GLY A 345 12.75 13.50 -11.30
C GLY A 345 13.60 14.28 -12.27
N PRO A 346 13.07 14.61 -13.46
CA PRO A 346 13.79 15.37 -14.49
C PRO A 346 14.15 16.79 -14.04
N ASP A 347 13.67 17.17 -12.88
CA ASP A 347 13.94 18.50 -12.35
C ASP A 347 14.97 18.42 -11.22
N GLY A 348 15.46 17.22 -10.99
CA GLY A 348 16.45 17.02 -9.94
C GLY A 348 15.84 16.62 -8.62
N SER A 349 14.53 16.80 -8.46
CA SER A 349 13.86 16.47 -7.20
C SER A 349 13.28 15.04 -7.21
N PRO A 350 12.91 14.52 -6.02
CA PRO A 350 12.32 13.19 -5.86
C PRO A 350 11.12 12.94 -6.78
N LEU A 351 11.20 11.85 -7.54
CA LEU A 351 10.14 11.47 -8.46
C LEU A 351 9.19 10.52 -7.78
N PHE A 352 7.90 10.79 -7.88
CA PHE A 352 6.90 9.94 -7.25
C PHE A 352 5.88 9.36 -8.22
N GLY A 353 5.35 8.21 -7.87
CA GLY A 353 4.35 7.56 -8.70
C GLY A 353 3.10 7.26 -7.90
N CYS A 354 1.97 7.79 -8.34
CA CYS A 354 0.74 7.57 -7.62
C CYS A 354 -0.28 6.79 -8.43
N LEU A 355 -1.07 5.99 -7.74
CA LEU A 355 -2.11 5.19 -8.39
C LEU A 355 -3.31 5.36 -7.49
N TYR A 356 -4.43 5.82 -8.03
CA TYR A 356 -5.61 6.04 -7.21
C TYR A 356 -6.94 5.81 -7.92
N GLU A 357 -7.97 5.44 -7.16
CA GLU A 357 -9.29 5.23 -7.72
C GLU A 357 -9.95 6.59 -7.92
N ALA A 358 -10.55 6.78 -9.09
CA ALA A 358 -11.18 8.06 -9.40
C ALA A 358 -12.59 7.99 -10.01
N ASN A 359 -13.19 9.17 -10.16
CA ASN A 359 -14.53 9.34 -10.72
C ASN A 359 -15.46 8.19 -10.34
N ASP A 360 -15.66 8.03 -9.03
CA ASP A 360 -16.48 6.98 -8.47
C ASP A 360 -16.16 5.58 -9.01
N TYR A 361 -14.94 5.13 -8.74
CA TYR A 361 -14.48 3.80 -9.12
C TYR A 361 -14.66 3.47 -10.60
N GLU A 362 -14.94 4.49 -11.40
CA GLU A 362 -15.13 4.30 -12.83
C GLU A 362 -13.79 3.97 -13.46
N GLU A 363 -12.70 4.47 -12.87
CA GLU A 363 -11.37 4.23 -13.39
C GLU A 363 -10.29 4.31 -12.32
N ILE A 364 -9.07 4.04 -12.74
CA ILE A 364 -7.92 4.12 -11.85
C ILE A 364 -6.90 4.96 -12.62
N VAL A 365 -6.37 5.97 -11.95
CA VAL A 365 -5.42 6.87 -12.56
C VAL A 365 -3.99 6.76 -12.03
N PHE A 366 -3.02 6.99 -12.92
CA PHE A 366 -1.62 6.97 -12.57
C PHE A 366 -1.09 8.39 -12.64
N LEU A 367 -0.72 8.90 -11.47
CA LEU A 367 -0.17 10.24 -11.36
C LEU A 367 1.34 10.12 -11.16
N MET A 368 2.08 11.07 -11.73
CA MET A 368 3.52 11.09 -11.59
C MET A 368 3.96 12.52 -11.52
N PHE A 369 4.66 12.86 -10.43
CA PHE A 369 5.11 14.22 -10.22
C PHE A 369 6.34 14.20 -9.30
N THR A 370 6.88 15.37 -9.01
CA THR A 370 8.05 15.43 -8.15
C THR A 370 7.80 16.25 -6.90
N LEU A 371 8.75 16.17 -5.96
CA LEU A 371 8.65 16.88 -4.70
C LEU A 371 8.58 18.37 -4.97
N LYS A 372 9.24 18.78 -6.04
CA LYS A 372 9.28 20.18 -6.44
C LYS A 372 7.89 20.71 -6.77
N GLN A 373 7.21 20.03 -7.69
CA GLN A 373 5.87 20.43 -8.12
C GLN A 373 4.87 20.40 -6.97
N ALA A 374 5.03 19.43 -6.08
CA ALA A 374 4.12 19.29 -4.97
C ALA A 374 4.41 20.23 -3.81
N PHE A 375 5.67 20.31 -3.41
CA PHE A 375 6.04 21.17 -2.29
C PHE A 375 7.14 22.14 -2.62
N PRO A 376 6.84 23.07 -3.53
CA PRO A 376 7.74 24.11 -4.01
C PRO A 376 8.45 24.86 -2.89
N ALA A 377 7.77 25.04 -1.77
CA ALA A 377 8.39 25.77 -0.66
C ALA A 377 9.35 24.86 0.08
N GLU A 378 9.20 23.56 -0.14
CA GLU A 378 10.02 22.56 0.54
C GLU A 378 11.24 22.04 -0.20
N TYR A 379 11.31 22.25 -1.50
CA TYR A 379 12.47 21.75 -2.24
C TYR A 379 13.78 22.48 -1.84
#